data_4RSX
#
_entry.id   4RSX
#
_cell.length_a   79.769
_cell.length_b   79.769
_cell.length_c   96.472
_cell.angle_alpha   90.000
_cell.angle_beta   90.000
_cell.angle_gamma   120.000
#
_symmetry.space_group_name_H-M   'P 65'
#
loop_
_entity.id
_entity.type
_entity.pdbx_description
1 polymer 'Type III effector HopA1'
2 water water
#
_entity_poly.entity_id   1
_entity_poly.type   'polypeptide(L)'
_entity_poly.pdbx_seq_one_letter_code
;KQAAQSTFNSFHEWAKQAEAMRNPSRMDIYKIYKQDAPHSHPMSDEQQEEFLHTLKALNGKNGIEVRTQDHDSVRNKKDR
NLDKYIAESPDAKRFFYRIIPKHERREDKNQGRLTIGVQPQYATQLTRAMATLIGKESAITHGKVIGPACHGQMTDSAVL
YINGDVAKAEKLGEKLKQMSGIPLDAFVEHTPLSMQSLSKGLSYAESILGDTRGHGMSRAEVISDALRMDGMPFLARLKL
SLSANGYDPDNPALRNT
;
_entity_poly.pdbx_strand_id   A
#
# COMPACT_ATOMS: atom_id res chain seq x y z
N LYS A 1 -13.99 16.10 2.51
CA LYS A 1 -14.63 16.89 1.47
C LYS A 1 -13.62 17.55 0.52
N GLN A 2 -12.82 18.46 1.07
CA GLN A 2 -11.67 18.95 0.32
C GLN A 2 -10.73 17.77 0.01
N ALA A 3 -10.56 16.88 0.99
CA ALA A 3 -9.80 15.65 0.80
C ALA A 3 -10.37 14.83 -0.37
N ALA A 4 -11.69 14.67 -0.36
CA ALA A 4 -12.40 13.94 -1.41
C ALA A 4 -12.14 14.54 -2.80
N GLN A 5 -12.14 15.87 -2.88
CA GLN A 5 -11.99 16.59 -4.17
C GLN A 5 -10.64 16.34 -4.81
N SER A 6 -9.58 16.48 -4.03
CA SER A 6 -8.23 16.27 -4.52
C SER A 6 -8.07 14.81 -4.98
N THR A 7 -8.62 13.90 -4.18
CA THR A 7 -8.55 12.48 -4.49
C THR A 7 -9.31 12.13 -5.78
N PHE A 8 -10.52 12.64 -5.93
CA PHE A 8 -11.28 12.36 -7.14
C PHE A 8 -10.60 12.95 -8.37
N ASN A 9 -10.07 14.16 -8.24
CA ASN A 9 -9.40 14.81 -9.37
C ASN A 9 -8.18 14.05 -9.90
N SER A 10 -7.43 13.38 -9.03
CA SER A 10 -6.28 12.59 -9.50
C SER A 10 -6.78 11.30 -10.17
N PHE A 11 -7.88 10.76 -9.66
CA PHE A 11 -8.56 9.63 -10.27
C PHE A 11 -9.10 10.01 -11.64
N HIS A 12 -9.74 11.18 -11.73
CA HIS A 12 -10.28 11.63 -13.00
C HIS A 12 -9.19 11.87 -14.06
N GLU A 13 -8.08 12.49 -13.66
CA GLU A 13 -6.93 12.65 -14.58
C GLU A 13 -6.44 11.32 -15.16
N TRP A 14 -6.23 10.35 -14.27
CA TRP A 14 -5.85 8.98 -14.64
C TRP A 14 -6.82 8.46 -15.71
N ALA A 15 -8.11 8.62 -15.42
CA ALA A 15 -9.19 8.16 -16.29
C ALA A 15 -9.15 8.85 -17.65
N LYS A 16 -8.80 10.14 -17.68
CA LYS A 16 -8.71 10.87 -18.95
C LYS A 16 -7.55 10.37 -19.80
N GLN A 17 -6.43 10.06 -19.15
CA GLN A 17 -5.30 9.48 -19.87
C GLN A 17 -5.65 8.10 -20.42
N ALA A 18 -6.44 7.31 -19.66
CA ALA A 18 -6.90 6.03 -20.18
C ALA A 18 -7.81 6.25 -21.36
N GLU A 19 -8.66 7.26 -21.25
CA GLU A 19 -9.67 7.53 -22.26
C GLU A 19 -9.01 8.00 -23.56
N ALA A 20 -7.83 8.60 -23.44
CA ALA A 20 -7.11 9.08 -24.62
C ALA A 20 -6.48 7.94 -25.42
N MET A 21 -6.37 6.76 -24.82
CA MET A 21 -5.76 5.62 -25.52
C MET A 21 -6.75 4.92 -26.44
N ARG A 22 -6.21 4.11 -27.35
CA ARG A 22 -7.03 3.35 -28.30
C ARG A 22 -7.31 1.93 -27.81
N ASN A 23 -8.60 1.65 -27.57
CA ASN A 23 -9.05 0.36 -27.04
C ASN A 23 -8.21 -0.16 -25.88
N PRO A 24 -8.07 0.63 -24.81
CA PRO A 24 -7.15 0.28 -23.71
C PRO A 24 -7.60 -0.96 -22.92
N SER A 25 -6.67 -1.84 -22.58
CA SER A 25 -6.98 -3.00 -21.76
C SER A 25 -7.00 -2.60 -20.29
N ARG A 26 -7.44 -3.51 -19.42
CA ARG A 26 -7.38 -3.24 -17.99
C ARG A 26 -5.93 -3.06 -17.56
N MET A 27 -5.04 -3.86 -18.16
CA MET A 27 -3.60 -3.77 -17.90
C MET A 27 -2.99 -2.44 -18.37
N ASP A 28 -3.43 -1.94 -19.53
CA ASP A 28 -2.98 -0.64 -20.01
C ASP A 28 -3.32 0.42 -18.98
N ILE A 29 -4.60 0.43 -18.57
CA ILE A 29 -5.07 1.40 -17.58
C ILE A 29 -4.24 1.28 -16.32
N TYR A 30 -3.96 0.04 -15.91
CA TYR A 30 -3.18 -0.24 -14.71
C TYR A 30 -1.71 0.26 -14.79
N LYS A 31 -1.11 0.15 -15.98
CA LYS A 31 0.29 0.56 -16.13
C LYS A 31 0.48 2.06 -15.91
N ILE A 32 -0.54 2.86 -16.21
CA ILE A 32 -0.50 4.29 -15.91
C ILE A 32 -0.33 4.54 -14.40
N TYR A 33 -1.05 3.79 -13.58
CA TYR A 33 -0.90 3.82 -12.12
C TYR A 33 0.49 3.36 -11.69
N LYS A 34 0.99 2.29 -12.30
CA LYS A 34 2.33 1.77 -11.97
C LYS A 34 3.42 2.75 -12.37
N GLN A 35 3.27 3.35 -13.55
CA GLN A 35 4.20 4.34 -14.09
C GLN A 35 4.32 5.58 -13.21
N ASP A 36 3.34 5.82 -12.35
CA ASP A 36 3.33 7.02 -11.52
C ASP A 36 4.01 6.80 -10.16
N ALA A 37 4.65 5.66 -9.97
CA ALA A 37 5.39 5.41 -8.72
C ALA A 37 6.47 6.47 -8.53
N PRO A 38 6.81 6.78 -7.27
CA PRO A 38 8.00 7.60 -7.00
C PRO A 38 9.24 6.84 -7.48
N HIS A 39 10.35 7.53 -7.73
CA HIS A 39 11.49 6.84 -8.30
C HIS A 39 12.84 7.13 -7.62
N SER A 40 12.87 7.04 -6.29
CA SER A 40 14.10 7.22 -5.51
C SER A 40 15.19 6.25 -5.92
N HIS A 41 16.43 6.70 -5.82
CA HIS A 41 17.57 5.81 -6.02
C HIS A 41 17.61 4.92 -4.78
N PRO A 42 17.96 3.64 -4.95
CA PRO A 42 17.89 2.73 -3.80
C PRO A 42 18.84 3.13 -2.69
N MET A 43 18.55 2.67 -1.47
CA MET A 43 19.49 2.76 -0.37
C MET A 43 20.75 1.95 -0.73
N SER A 44 21.85 2.22 -0.04
CA SER A 44 23.13 1.61 -0.37
C SER A 44 23.15 0.10 -0.10
N ASP A 45 24.21 -0.58 -0.54
CA ASP A 45 24.37 -2.01 -0.26
C ASP A 45 24.36 -2.34 1.25
N GLU A 46 25.11 -1.56 2.02
CA GLU A 46 25.16 -1.75 3.47
C GLU A 46 23.81 -1.48 4.09
N GLN A 47 23.12 -0.46 3.58
CA GLN A 47 21.81 -0.13 4.10
C GLN A 47 20.81 -1.28 3.87
N GLN A 48 20.87 -1.88 2.68
CA GLN A 48 20.07 -3.07 2.37
C GLN A 48 20.34 -4.23 3.32
N GLU A 49 21.62 -4.50 3.54
CA GLU A 49 22.01 -5.55 4.45
C GLU A 49 21.54 -5.29 5.88
N GLU A 50 21.64 -4.04 6.32
CA GLU A 50 21.14 -3.65 7.63
C GLU A 50 19.62 -3.90 7.70
N PHE A 51 18.94 -3.67 6.59
CA PHE A 51 17.51 -3.90 6.50
C PHE A 51 17.17 -5.38 6.74
N LEU A 52 17.82 -6.26 5.97
CA LEU A 52 17.60 -7.70 6.16
C LEU A 52 17.94 -8.15 7.58
N HIS A 53 19.04 -7.63 8.13
CA HIS A 53 19.41 -8.04 9.48
C HIS A 53 18.40 -7.56 10.52
N THR A 54 17.71 -6.47 10.23
CA THR A 54 16.71 -5.94 11.16
C THR A 54 15.46 -6.80 11.13
N LEU A 55 15.07 -7.20 9.92
CA LEU A 55 13.95 -8.14 9.74
C LEU A 55 14.17 -9.37 10.63
N LYS A 56 15.35 -9.97 10.53
CA LYS A 56 15.68 -11.16 11.33
C LYS A 56 15.69 -10.86 12.82
N ALA A 57 16.19 -9.69 13.18
CA ALA A 57 16.19 -9.25 14.58
C ALA A 57 14.78 -8.98 15.12
N LEU A 58 13.88 -8.56 14.24
CA LEU A 58 12.51 -8.22 14.65
C LEU A 58 11.66 -9.49 14.79
N ASN A 59 11.91 -10.43 13.87
CA ASN A 59 11.21 -11.70 13.82
C ASN A 59 11.28 -12.50 15.12
N GLY A 60 10.12 -12.79 15.71
CA GLY A 60 10.07 -13.64 16.88
C GLY A 60 10.20 -12.87 18.18
N LYS A 61 10.33 -11.56 18.10
CA LYS A 61 10.44 -10.75 19.30
C LYS A 61 9.21 -9.86 19.49
N ASN A 62 8.86 -9.60 20.76
CA ASN A 62 7.79 -8.67 21.11
C ASN A 62 6.46 -8.89 20.40
N GLY A 63 6.06 -10.14 20.26
CA GLY A 63 4.77 -10.48 19.70
C GLY A 63 4.69 -10.37 18.18
N ILE A 64 5.83 -10.16 17.54
CA ILE A 64 5.90 -9.96 16.10
C ILE A 64 6.62 -11.13 15.40
N GLU A 65 6.15 -11.47 14.20
CA GLU A 65 6.87 -12.36 13.27
C GLU A 65 7.02 -11.71 11.90
N VAL A 66 8.12 -12.04 11.21
CA VAL A 66 8.32 -11.58 9.84
C VAL A 66 8.39 -12.78 8.90
N ARG A 67 7.62 -12.74 7.82
CA ARG A 67 7.61 -13.84 6.88
C ARG A 67 7.76 -13.30 5.47
N THR A 68 8.50 -14.03 4.63
CA THR A 68 8.53 -13.69 3.21
C THR A 68 7.15 -13.89 2.62
N GLN A 69 6.83 -13.11 1.58
CA GLN A 69 5.57 -13.29 0.85
C GLN A 69 5.79 -14.00 -0.47
N ASP A 70 7.02 -14.46 -0.70
CA ASP A 70 7.36 -15.29 -1.86
C ASP A 70 6.33 -16.41 -2.05
N HIS A 71 5.70 -16.49 -3.24
CA HIS A 71 4.61 -17.45 -3.47
C HIS A 71 5.02 -18.90 -3.28
N ASP A 72 6.17 -19.27 -3.84
CA ASP A 72 6.70 -20.63 -3.72
C ASP A 72 6.91 -21.02 -2.26
N SER A 73 7.53 -20.12 -1.48
CA SER A 73 7.74 -20.35 -0.05
C SER A 73 6.41 -20.51 0.68
N VAL A 74 5.49 -19.58 0.43
CA VAL A 74 4.18 -19.60 1.08
C VAL A 74 3.42 -20.91 0.86
N ARG A 75 3.18 -21.28 -0.39
CA ARG A 75 2.35 -22.46 -0.68
C ARG A 75 2.97 -23.76 -0.14
N ASN A 76 4.30 -23.78 -0.02
CA ASN A 76 5.00 -24.93 0.54
C ASN A 76 5.16 -24.86 2.05
N LYS A 77 4.56 -23.84 2.66
CA LYS A 77 4.68 -23.61 4.11
C LYS A 77 6.15 -23.50 4.55
N LYS A 78 6.96 -22.89 3.68
CA LYS A 78 8.38 -22.65 3.93
C LYS A 78 8.63 -21.21 4.39
N ASP A 79 7.59 -20.39 4.41
CA ASP A 79 7.73 -18.98 4.78
C ASP A 79 7.93 -18.80 6.30
N ARG A 80 8.10 -19.91 7.02
CA ARG A 80 8.30 -19.85 8.47
C ARG A 80 9.78 -19.91 8.89
N ASN A 81 10.71 -19.78 7.95
CA ASN A 81 12.13 -19.73 8.30
C ASN A 81 12.81 -18.53 7.65
N LEU A 82 12.68 -17.39 8.32
CA LEU A 82 13.14 -16.13 7.75
C LEU A 82 14.64 -16.15 7.43
N ASP A 83 15.43 -16.61 8.40
CA ASP A 83 16.89 -16.57 8.28
C ASP A 83 17.39 -17.38 7.09
N LYS A 84 16.75 -18.53 6.84
CA LYS A 84 17.12 -19.39 5.72
C LYS A 84 16.78 -18.78 4.37
N TYR A 85 15.58 -18.18 4.26
CA TYR A 85 15.18 -17.52 3.02
C TYR A 85 16.14 -16.38 2.65
N ILE A 86 16.48 -15.55 3.63
CA ILE A 86 17.38 -14.41 3.37
C ILE A 86 18.76 -14.90 2.95
N ALA A 87 19.18 -16.01 3.57
CA ALA A 87 20.50 -16.59 3.31
C ALA A 87 20.64 -17.16 1.90
N GLU A 88 19.54 -17.69 1.35
CA GLU A 88 19.60 -18.48 0.13
C GLU A 88 18.86 -17.91 -1.07
N SER A 89 17.70 -17.30 -0.84
CA SER A 89 16.93 -16.79 -1.96
C SER A 89 17.68 -15.65 -2.65
N PRO A 90 17.78 -15.72 -3.99
CA PRO A 90 18.36 -14.65 -4.79
C PRO A 90 17.38 -13.48 -4.92
N ASP A 91 16.17 -13.65 -4.39
CA ASP A 91 15.17 -12.58 -4.44
C ASP A 91 15.00 -11.85 -3.11
N ALA A 92 15.76 -12.23 -2.10
CA ALA A 92 15.60 -11.73 -0.74
C ALA A 92 15.62 -10.20 -0.60
N LYS A 93 16.36 -9.53 -1.47
CA LYS A 93 16.43 -8.07 -1.45
C LYS A 93 15.29 -7.43 -2.25
N ARG A 94 14.51 -8.25 -2.95
CA ARG A 94 13.55 -7.72 -3.93
C ARG A 94 12.09 -7.94 -3.56
N PHE A 95 11.80 -9.09 -2.97
CA PHE A 95 10.41 -9.48 -2.74
C PHE A 95 9.81 -8.79 -1.52
N PHE A 96 8.51 -8.97 -1.32
CA PHE A 96 7.82 -8.41 -0.15
C PHE A 96 7.98 -9.25 1.11
N TYR A 97 8.01 -8.59 2.26
CA TYR A 97 7.93 -9.28 3.55
C TYR A 97 6.70 -8.79 4.28
N ARG A 98 6.03 -9.68 5.00
CA ARG A 98 4.95 -9.20 5.85
C ARG A 98 5.39 -9.23 7.30
N ILE A 99 4.88 -8.28 8.04
CA ILE A 99 5.10 -8.17 9.47
C ILE A 99 3.78 -8.51 10.14
N ILE A 100 3.75 -9.58 10.92
CA ILE A 100 2.49 -10.06 11.49
C ILE A 100 2.61 -10.21 13.01
N PRO A 101 1.47 -10.03 13.71
CA PRO A 101 1.49 -10.33 15.15
C PRO A 101 1.57 -11.84 15.31
N LYS A 102 2.21 -12.28 16.39
CA LYS A 102 2.33 -13.69 16.74
C LYS A 102 0.96 -14.38 16.73
N HIS A 103 -0.03 -13.72 17.32
CA HIS A 103 -1.38 -14.26 17.31
C HIS A 103 -2.21 -13.59 16.23
N GLU A 104 -2.51 -14.35 15.19
CA GLU A 104 -3.26 -13.87 14.03
C GLU A 104 -4.52 -13.08 14.38
N ARG A 105 -4.74 -11.97 13.69
CA ARG A 105 -5.95 -11.17 13.86
C ARG A 105 -6.84 -11.31 12.62
N ARG A 106 -8.12 -11.62 12.83
CA ARG A 106 -9.08 -11.77 11.73
C ARG A 106 -9.18 -10.46 10.93
N GLU A 107 -9.24 -10.57 9.60
CA GLU A 107 -9.41 -9.39 8.74
C GLU A 107 -10.87 -9.10 8.48
N ASP A 108 -11.28 -7.84 8.59
CA ASP A 108 -12.62 -7.46 8.11
C ASP A 108 -12.65 -7.62 6.59
N LYS A 109 -13.83 -7.88 6.04
CA LYS A 109 -13.98 -7.92 4.59
C LYS A 109 -13.71 -6.55 3.97
N ASN A 110 -13.94 -5.49 4.73
CA ASN A 110 -13.59 -4.14 4.30
C ASN A 110 -12.45 -3.56 5.13
N GLN A 111 -11.30 -3.34 4.53
CA GLN A 111 -10.17 -2.85 5.29
C GLN A 111 -9.69 -1.50 4.81
N GLY A 112 -9.09 -0.74 5.71
CA GLY A 112 -8.32 0.43 5.32
C GLY A 112 -6.85 0.08 5.11
N ARG A 113 -6.20 0.75 4.16
CA ARG A 113 -4.79 0.51 3.86
C ARG A 113 -4.05 1.83 3.97
N LEU A 114 -3.07 1.88 4.86
CA LEU A 114 -2.26 3.07 5.03
C LEU A 114 -0.94 2.88 4.30
N THR A 115 -0.69 3.68 3.27
CA THR A 115 0.57 3.56 2.53
C THR A 115 1.56 4.59 3.02
N ILE A 116 2.75 4.14 3.38
CA ILE A 116 3.76 5.04 3.94
C ILE A 116 4.96 5.21 3.00
N GLY A 117 5.35 6.47 2.77
CA GLY A 117 6.44 6.78 1.87
C GLY A 117 7.55 7.53 2.58
N VAL A 118 8.70 6.88 2.75
CA VAL A 118 9.88 7.54 3.31
C VAL A 118 11.06 7.36 2.36
N GLN A 119 12.08 8.21 2.53
CA GLN A 119 13.31 8.03 1.80
C GLN A 119 13.94 6.72 2.25
N PRO A 120 14.44 5.92 1.28
CA PRO A 120 14.89 4.53 1.44
C PRO A 120 15.93 4.39 2.53
N GLN A 121 16.68 5.46 2.78
CA GLN A 121 17.64 5.50 3.88
C GLN A 121 16.95 5.36 5.23
N TYR A 122 15.63 5.59 5.27
CA TYR A 122 14.89 5.45 6.52
C TYR A 122 13.99 4.22 6.56
N ALA A 123 14.07 3.35 5.55
CA ALA A 123 13.20 2.18 5.51
C ALA A 123 13.30 1.30 6.74
N THR A 124 14.52 1.05 7.20
CA THR A 124 14.76 0.21 8.36
C THR A 124 14.08 0.79 9.61
N GLN A 125 14.30 2.08 9.84
CA GLN A 125 13.64 2.77 10.93
C GLN A 125 12.12 2.66 10.83
N LEU A 126 11.58 2.87 9.65
CA LEU A 126 10.12 2.76 9.47
C LEU A 126 9.65 1.36 9.82
N THR A 127 10.42 0.36 9.37
CA THR A 127 10.01 -1.04 9.57
C THR A 127 9.92 -1.35 11.06
N ARG A 128 10.90 -0.85 11.81
CA ARG A 128 10.91 -0.99 13.27
C ARG A 128 9.67 -0.36 13.88
N ALA A 129 9.36 0.87 13.46
CA ALA A 129 8.18 1.56 13.96
C ALA A 129 6.90 0.80 13.59
N MET A 130 6.86 0.21 12.40
CA MET A 130 5.68 -0.55 11.98
C MET A 130 5.49 -1.77 12.86
N ALA A 131 6.58 -2.48 13.16
CA ALA A 131 6.52 -3.65 14.03
C ALA A 131 6.01 -3.29 15.44
N THR A 132 6.54 -2.20 15.99
CA THR A 132 6.10 -1.76 17.31
C THR A 132 4.59 -1.45 17.27
N LEU A 133 4.18 -0.69 16.27
CA LEU A 133 2.80 -0.25 16.15
C LEU A 133 1.88 -1.47 15.99
N ILE A 134 2.30 -2.42 15.15
CA ILE A 134 1.51 -3.64 14.99
C ILE A 134 1.42 -4.43 16.29
N GLY A 135 2.52 -4.45 17.06
CA GLY A 135 2.48 -5.12 18.35
C GLY A 135 1.42 -4.56 19.28
N LYS A 136 1.27 -3.23 19.28
CA LYS A 136 0.42 -2.51 20.23
C LYS A 136 -1.03 -2.37 19.79
N GLU A 137 -1.25 -2.31 18.48
CA GLU A 137 -2.56 -1.90 17.97
C GLU A 137 -3.27 -3.06 17.26
N SER A 138 -4.23 -3.67 17.95
CA SER A 138 -4.93 -4.82 17.41
C SER A 138 -5.82 -4.50 16.21
N ALA A 139 -6.07 -3.21 15.95
CA ALA A 139 -6.81 -2.86 14.73
C ALA A 139 -5.98 -3.18 13.48
N ILE A 140 -4.65 -3.23 13.62
CA ILE A 140 -3.79 -3.56 12.49
C ILE A 140 -3.61 -5.08 12.39
N THR A 141 -4.05 -5.68 11.28
CA THR A 141 -3.92 -7.11 11.12
C THR A 141 -2.52 -7.52 10.69
N HIS A 142 -1.87 -6.68 9.86
CA HIS A 142 -0.49 -6.91 9.43
C HIS A 142 0.06 -5.75 8.64
N GLY A 143 1.36 -5.80 8.36
CA GLY A 143 1.98 -4.81 7.53
C GLY A 143 2.77 -5.50 6.45
N LYS A 144 3.17 -4.77 5.41
CA LYS A 144 4.15 -5.34 4.49
C LYS A 144 5.17 -4.30 4.07
N VAL A 145 6.41 -4.76 3.86
CA VAL A 145 7.45 -3.90 3.33
C VAL A 145 8.12 -4.61 2.15
N ILE A 146 8.40 -3.84 1.09
CA ILE A 146 9.11 -4.35 -0.08
C ILE A 146 10.60 -4.55 0.29
N GLY A 147 11.25 -5.50 -0.37
CA GLY A 147 12.69 -5.70 -0.20
C GLY A 147 13.48 -4.41 -0.40
N PRO A 148 14.62 -4.28 0.32
CA PRO A 148 15.44 -3.06 0.37
C PRO A 148 15.98 -2.58 -0.97
N ALA A 149 16.17 -3.48 -1.92
CA ALA A 149 16.68 -3.04 -3.21
C ALA A 149 15.63 -2.22 -3.97
N CYS A 150 14.34 -2.41 -3.63
CA CYS A 150 13.25 -1.76 -4.36
C CYS A 150 12.53 -0.70 -3.56
N HIS A 151 12.86 -0.56 -2.28
CA HIS A 151 12.18 0.42 -1.45
C HIS A 151 12.39 1.83 -2.01
N GLY A 152 11.29 2.55 -2.24
CA GLY A 152 11.35 3.88 -2.81
C GLY A 152 11.03 3.91 -4.30
N GLN A 153 10.85 2.74 -4.89
CA GLN A 153 10.55 2.64 -6.32
C GLN A 153 9.15 2.10 -6.62
N MET A 154 8.41 1.75 -5.57
CA MET A 154 7.07 1.16 -5.73
C MET A 154 6.02 2.11 -5.20
N THR A 155 4.77 1.94 -5.66
CA THR A 155 3.67 2.68 -5.07
C THR A 155 3.35 2.15 -3.69
N ASP A 156 3.80 0.92 -3.41
CA ASP A 156 3.48 0.26 -2.15
C ASP A 156 4.72 -0.30 -1.42
N SER A 157 5.72 0.56 -1.20
CA SER A 157 6.94 0.16 -0.48
C SER A 157 6.67 -0.26 0.96
N ALA A 158 5.68 0.39 1.59
CA ALA A 158 5.26 0.02 2.95
C ALA A 158 3.78 0.28 3.18
N VAL A 159 3.07 -0.75 3.66
CA VAL A 159 1.62 -0.65 3.85
C VAL A 159 1.19 -1.30 5.18
N LEU A 160 0.29 -0.62 5.90
CA LEU A 160 -0.36 -1.22 7.07
C LEU A 160 -1.82 -1.55 6.71
N TYR A 161 -2.27 -2.76 7.06
CA TYR A 161 -3.63 -3.19 6.77
C TYR A 161 -4.44 -3.12 8.03
N ILE A 162 -5.53 -2.35 7.97
CA ILE A 162 -6.23 -1.87 9.16
C ILE A 162 -7.72 -2.22 9.17
N ASN A 163 -8.19 -2.82 10.26
CA ASN A 163 -9.63 -2.99 10.44
C ASN A 163 -10.15 -1.68 11.02
N GLY A 164 -10.72 -0.82 10.19
CA GLY A 164 -11.11 0.49 10.66
C GLY A 164 -11.26 1.48 9.52
N ASP A 165 -11.69 2.70 9.84
CA ASP A 165 -11.99 3.71 8.84
C ASP A 165 -10.88 4.76 8.75
N VAL A 166 -11.15 5.84 8.02
CA VAL A 166 -10.13 6.84 7.76
C VAL A 166 -9.66 7.54 9.06
N ALA A 167 -10.60 7.78 9.98
CA ALA A 167 -10.24 8.36 11.28
C ALA A 167 -9.24 7.50 12.05
N LYS A 168 -9.46 6.19 12.07
CA LYS A 168 -8.55 5.27 12.75
C LYS A 168 -7.17 5.32 12.08
N ALA A 169 -7.15 5.34 10.75
CA ALA A 169 -5.91 5.43 9.98
C ALA A 169 -5.15 6.71 10.25
N GLU A 170 -5.86 7.85 10.30
CA GLU A 170 -5.25 9.13 10.65
C GLU A 170 -4.54 9.06 12.00
N LYS A 171 -5.23 8.54 13.00
CA LYS A 171 -4.62 8.40 14.32
C LYS A 171 -3.38 7.52 14.30
N LEU A 172 -3.45 6.38 13.61
CA LEU A 172 -2.29 5.49 13.52
C LEU A 172 -1.15 6.14 12.77
N GLY A 173 -1.51 6.91 11.74
CA GLY A 173 -0.51 7.61 10.96
C GLY A 173 0.23 8.64 11.79
N GLU A 174 -0.52 9.48 12.51
CA GLU A 174 0.12 10.52 13.34
C GLU A 174 0.95 9.84 14.43
N LYS A 175 0.44 8.73 14.96
CA LYS A 175 1.17 7.94 15.94
C LYS A 175 2.49 7.41 15.36
N LEU A 176 2.42 6.83 14.15
CA LEU A 176 3.60 6.31 13.49
C LEU A 176 4.66 7.40 13.32
N LYS A 177 4.24 8.58 12.87
CA LYS A 177 5.17 9.68 12.67
C LYS A 177 5.84 10.15 13.95
N GLN A 178 5.06 10.32 15.02
CA GLN A 178 5.63 10.83 16.26
C GLN A 178 6.54 9.83 17.00
N MET A 179 6.30 8.53 16.77
CA MET A 179 7.07 7.47 17.44
C MET A 179 8.27 6.94 16.64
N SER A 180 8.29 7.17 15.33
CA SER A 180 9.26 6.49 14.46
C SER A 180 10.68 7.05 14.61
N GLY A 181 10.79 8.31 15.05
CA GLY A 181 12.07 8.96 15.13
C GLY A 181 12.59 9.40 13.78
N ILE A 182 11.78 9.21 12.74
CA ILE A 182 12.14 9.61 11.40
C ILE A 182 11.84 11.10 11.21
N PRO A 183 12.82 11.86 10.71
CA PRO A 183 12.60 13.30 10.54
C PRO A 183 11.48 13.57 9.55
N LEU A 184 10.67 14.58 9.84
CA LEU A 184 9.50 14.88 9.01
C LEU A 184 9.84 15.18 7.56
N ASP A 185 11.01 15.78 7.33
CA ASP A 185 11.46 16.07 5.98
C ASP A 185 11.82 14.79 5.20
N ALA A 186 11.97 13.67 5.91
CA ALA A 186 12.38 12.44 5.25
C ALA A 186 11.19 11.63 4.70
N PHE A 187 9.98 12.06 5.02
CA PHE A 187 8.79 11.49 4.40
C PHE A 187 8.68 12.03 2.97
N VAL A 188 8.20 11.18 2.06
CA VAL A 188 8.22 11.50 0.65
C VAL A 188 6.87 12.08 0.19
N GLU A 189 6.88 13.27 -0.40
CA GLU A 189 5.64 13.84 -0.93
C GLU A 189 5.20 13.09 -2.18
N HIS A 190 4.31 12.13 -2.02
CA HIS A 190 3.74 11.43 -3.19
C HIS A 190 2.47 10.73 -2.79
N THR A 191 1.42 10.90 -3.59
CA THR A 191 0.16 10.24 -3.33
C THR A 191 -0.19 9.41 -4.53
N PRO A 192 -0.29 8.08 -4.35
CA PRO A 192 -0.68 7.21 -5.47
C PRO A 192 -2.05 7.62 -5.98
N LEU A 193 -2.26 7.43 -7.27
CA LEU A 193 -3.51 7.83 -7.92
C LEU A 193 -4.71 7.20 -7.22
N SER A 194 -5.73 8.03 -7.03
CA SER A 194 -6.96 7.63 -6.35
C SER A 194 -6.82 7.28 -4.85
N MET A 195 -5.72 7.65 -4.20
CA MET A 195 -5.65 7.47 -2.74
C MET A 195 -5.79 8.83 -2.07
N GLN A 196 -6.27 8.83 -0.82
CA GLN A 196 -6.39 10.06 -0.06
C GLN A 196 -5.14 10.37 0.76
N SER A 197 -4.58 11.56 0.55
CA SER A 197 -3.40 12.01 1.27
C SER A 197 -3.76 12.47 2.68
N LEU A 198 -3.16 11.85 3.70
CA LEU A 198 -3.41 12.23 5.09
C LEU A 198 -2.39 13.24 5.62
N SER A 199 -1.15 13.12 5.13
CA SER A 199 -0.08 14.08 5.36
C SER A 199 1.06 13.59 4.51
N LYS A 200 2.14 14.36 4.44
CA LYS A 200 3.30 13.99 3.63
C LYS A 200 3.71 12.53 3.89
N GLY A 201 3.77 11.74 2.82
CA GLY A 201 4.21 10.36 2.93
C GLY A 201 3.16 9.38 3.47
N LEU A 202 1.96 9.88 3.76
CA LEU A 202 0.90 9.01 4.30
C LEU A 202 -0.36 9.08 3.43
N SER A 203 -0.66 7.96 2.76
CA SER A 203 -1.80 7.89 1.84
C SER A 203 -2.75 6.75 2.23
N TYR A 204 -4.05 7.01 2.10
CA TYR A 204 -5.06 6.09 2.57
C TYR A 204 -6.02 5.67 1.47
N ALA A 205 -6.43 4.41 1.51
CA ALA A 205 -7.46 3.92 0.57
C ALA A 205 -8.11 2.69 1.18
N GLU A 206 -9.33 2.39 0.73
CA GLU A 206 -10.09 1.29 1.30
C GLU A 206 -10.32 0.18 0.29
N SER A 207 -10.34 -1.05 0.78
CA SER A 207 -10.64 -2.18 -0.08
C SER A 207 -11.93 -2.82 0.41
N ILE A 208 -12.67 -3.46 -0.50
CA ILE A 208 -13.98 -4.00 -0.14
C ILE A 208 -14.09 -5.47 -0.45
N LEU A 209 -15.08 -6.12 0.18
CA LEU A 209 -15.53 -7.45 -0.23
C LEU A 209 -14.40 -8.44 -0.23
N GLY A 210 -13.48 -8.29 0.71
CA GLY A 210 -12.32 -9.16 0.78
C GLY A 210 -11.37 -9.07 -0.40
N ASP A 211 -11.48 -8.00 -1.18
CA ASP A 211 -10.63 -7.80 -2.36
C ASP A 211 -9.14 -8.00 -2.07
N THR A 212 -8.44 -8.62 -3.02
CA THR A 212 -6.98 -8.80 -2.92
C THR A 212 -6.30 -8.52 -4.27
N ARG A 213 -7.05 -7.93 -5.20
CA ARG A 213 -6.46 -7.47 -6.46
C ARG A 213 -5.40 -6.37 -6.25
N GLY A 214 -5.54 -5.60 -5.15
CA GLY A 214 -4.67 -4.45 -4.94
C GLY A 214 -5.31 -3.13 -5.40
N HIS A 215 -4.94 -2.03 -4.74
CA HIS A 215 -5.61 -0.76 -4.96
C HIS A 215 -5.57 -0.26 -6.41
N GLY A 216 -4.39 -0.34 -7.03
CA GLY A 216 -4.21 0.04 -8.43
C GLY A 216 -5.09 -0.72 -9.42
N MET A 217 -5.13 -2.04 -9.30
CA MET A 217 -5.88 -2.83 -10.26
C MET A 217 -7.38 -2.68 -10.05
N SER A 218 -7.80 -2.54 -8.80
CA SER A 218 -9.23 -2.39 -8.52
C SER A 218 -9.76 -1.08 -9.08
N ARG A 219 -9.02 0.02 -8.89
CA ARG A 219 -9.49 1.30 -9.41
C ARG A 219 -9.31 1.35 -10.92
N ALA A 220 -8.30 0.64 -11.44
CA ALA A 220 -8.11 0.57 -12.89
C ALA A 220 -9.37 -0.01 -13.53
N GLU A 221 -9.96 -0.99 -12.84
CA GLU A 221 -11.09 -1.72 -13.40
C GLU A 221 -12.38 -0.92 -13.30
N VAL A 222 -12.49 -0.06 -12.29
CA VAL A 222 -13.58 0.91 -12.24
C VAL A 222 -13.54 1.78 -13.52
N ILE A 223 -12.34 2.20 -13.91
CA ILE A 223 -12.17 3.06 -15.08
C ILE A 223 -12.58 2.32 -16.36
N SER A 224 -12.15 1.07 -16.50
CA SER A 224 -12.54 0.23 -17.63
C SER A 224 -14.06 0.20 -17.77
N ASP A 225 -14.74 -0.04 -16.66
CA ASP A 225 -16.19 -0.07 -16.67
C ASP A 225 -16.77 1.25 -17.18
N ALA A 226 -16.31 2.36 -16.61
CA ALA A 226 -16.79 3.68 -17.03
C ALA A 226 -16.63 3.86 -18.55
N LEU A 227 -15.48 3.43 -19.08
CA LEU A 227 -15.20 3.51 -20.51
C LEU A 227 -16.18 2.67 -21.34
N ARG A 228 -16.69 1.60 -20.74
CA ARG A 228 -17.58 0.67 -21.44
C ARG A 228 -19.02 1.17 -21.43
N MET A 229 -19.36 2.01 -20.45
CA MET A 229 -20.71 2.59 -20.40
C MET A 229 -20.88 3.62 -21.52
N ASP A 230 -22.14 3.94 -21.84
CA ASP A 230 -22.40 5.01 -22.80
C ASP A 230 -23.72 5.73 -22.52
N GLY A 231 -23.97 6.82 -23.24
CA GLY A 231 -25.20 7.56 -23.04
C GLY A 231 -25.11 8.68 -22.01
N MET A 232 -24.01 8.75 -21.28
CA MET A 232 -23.84 9.78 -20.25
C MET A 232 -22.44 10.41 -20.34
N PRO A 233 -22.26 11.63 -19.76
CA PRO A 233 -20.91 12.24 -19.73
C PRO A 233 -19.90 11.31 -19.06
N PHE A 234 -18.64 11.42 -19.45
CA PHE A 234 -17.58 10.55 -18.92
C PHE A 234 -17.46 10.73 -17.41
N LEU A 235 -17.58 11.98 -16.95
CA LEU A 235 -17.54 12.29 -15.53
C LEU A 235 -18.63 11.54 -14.74
N ALA A 236 -19.86 11.55 -15.26
CA ALA A 236 -20.95 10.80 -14.64
C ALA A 236 -20.73 9.28 -14.72
N ARG A 237 -20.14 8.81 -15.81
CA ARG A 237 -19.87 7.36 -15.94
C ARG A 237 -18.87 6.88 -14.89
N LEU A 238 -17.79 7.64 -14.69
CA LEU A 238 -16.83 7.37 -13.62
C LEU A 238 -17.48 7.26 -12.24
N LYS A 239 -18.25 8.29 -11.88
CA LYS A 239 -18.97 8.30 -10.62
C LYS A 239 -19.94 7.14 -10.51
N LEU A 240 -20.64 6.84 -11.60
CA LEU A 240 -21.57 5.71 -11.61
C LEU A 240 -20.80 4.40 -11.48
N SER A 241 -19.69 4.27 -12.21
CA SER A 241 -18.85 3.08 -12.12
C SER A 241 -18.27 2.90 -10.71
N LEU A 242 -17.90 4.00 -10.06
CA LEU A 242 -17.47 3.92 -8.67
C LEU A 242 -18.59 3.36 -7.76
N SER A 243 -19.75 4.00 -7.81
CA SER A 243 -20.89 3.54 -7.01
C SER A 243 -21.21 2.08 -7.32
N ALA A 244 -21.32 1.74 -8.60
CA ALA A 244 -21.75 0.39 -9.00
C ALA A 244 -20.74 -0.67 -8.57
N ASN A 245 -19.50 -0.25 -8.34
CA ASN A 245 -18.43 -1.15 -7.94
C ASN A 245 -18.18 -1.13 -6.45
N GLY A 246 -18.94 -0.28 -5.74
CA GLY A 246 -18.95 -0.31 -4.29
C GLY A 246 -18.12 0.79 -3.64
N TYR A 247 -17.62 1.72 -4.45
CA TYR A 247 -16.82 2.81 -3.90
C TYR A 247 -17.63 4.10 -3.80
N ASP A 248 -17.07 5.08 -3.10
CA ASP A 248 -17.72 6.36 -2.91
C ASP A 248 -17.51 7.21 -4.17
N PRO A 249 -18.60 7.64 -4.82
CA PRO A 249 -18.45 8.31 -6.12
C PRO A 249 -17.79 9.69 -6.03
N ASP A 250 -17.72 10.23 -4.82
CA ASP A 250 -17.04 11.53 -4.64
C ASP A 250 -15.63 11.38 -4.07
N ASN A 251 -15.34 10.21 -3.50
CA ASN A 251 -13.99 9.94 -3.01
C ASN A 251 -13.61 8.49 -3.34
N PRO A 252 -12.95 8.29 -4.48
CA PRO A 252 -12.59 6.96 -4.99
C PRO A 252 -11.68 6.21 -4.03
N ALA A 253 -11.13 6.88 -3.04
CA ALA A 253 -10.34 6.18 -2.02
C ALA A 253 -11.21 5.38 -1.06
N LEU A 254 -12.51 5.72 -0.97
CA LEU A 254 -13.36 5.14 0.08
C LEU A 254 -14.44 4.16 -0.42
N ARG A 255 -14.88 3.27 0.48
CA ARG A 255 -16.08 2.46 0.26
C ARG A 255 -17.26 3.38 0.11
N ASN A 256 -18.25 2.94 -0.65
CA ASN A 256 -19.53 3.64 -0.71
C ASN A 256 -20.27 3.61 0.64
N THR A 257 -20.79 4.77 1.03
CA THR A 257 -21.59 4.96 2.25
C THR A 257 -20.86 4.55 3.52
#